data_6EP4
#
_entry.id   6EP4
#
_cell.length_a   154.860
_cell.length_b   154.860
_cell.length_c   132.230
_cell.angle_alpha   90.000
_cell.angle_beta   90.000
_cell.angle_gamma   90.000
#
_symmetry.space_group_name_H-M   'I 4 2 2'
#
loop_
_entity.id
_entity.type
_entity.pdbx_description
1 polymer Cholinesterase
2 branched 2-acetamido-2-deoxy-beta-D-glucopyranose-(1-4)-[beta-L-fucopyranose-(1-6)]2-acetamido-2-deoxy-beta-D-glucopyranose
3 non-polymer 'DECAMETHONIUM ION'
4 non-polymer 2-acetamido-2-deoxy-beta-D-glucopyranose
5 non-polymer 'SULFATE ION'
6 non-polymer 'CHLORIDE ION'
7 water water
#
_entity_poly.entity_id   1
_entity_poly.type   'polypeptide(L)'
_entity_poly.pdbx_seq_one_letter_code
;EDDIIIATKNGKVRGMQLTVFGGTVTAFLGIPYAQPPLGRLRFKKPQSLTKWSDIWNATKYANSCCQNIDQSFPGFHGSE
MWNPNTDLSEDCLYLNVWIPAPKPKNATVLIWIYGGGFQTGTSSLHVYDGKFLARVERVIVVSMNYRVGALGFLALPGNP
EAPGNMGLFDQQLALQWVQKNIAAFGGNPKSVTLFGESAGAASVSLHLLSPGSHSLFTRAILQSGSFNAPWAVTSLYEAR
NRTLNLAKLTGCSRENETEIIKCLRNKDPQEILLNEAFVVPYGTPLSVNFGPTVDGDFLTDMPDILLELGQFKKTQILVG
VNKDEGTAFLVYGAPGFSKDNNSIITRKEFQEGLKIFFPGVSEFGKESILFHYTDWVDDQRPENYREALGDVVGDYNFIC
PALEFTKKFSEWGNNAFFYYFEHRSSKLPWPEWMGVMHGYEIEFVFGLPLERRDQYTKAEEILSRSIVKRWANFAKYGNP
QETQNQSTSWPVFKSTEQKYLTLNTESTRIMTKLRAQQCRFWTSFFPKV
;
_entity_poly.pdbx_strand_id   A
#
loop_
_chem_comp.id
_chem_comp.type
_chem_comp.name
_chem_comp.formula
CL non-polymer 'CHLORIDE ION' 'Cl -1'
DME non-polymer 'DECAMETHONIUM ION' 'C16 H38 N2 2'
FUL L-saccharide, beta linking beta-L-fucopyranose 'C6 H12 O5'
NAG D-saccharide, beta linking 2-acetamido-2-deoxy-beta-D-glucopyranose 'C8 H15 N O6'
SO4 non-polymer 'SULFATE ION' 'O4 S -2'
#
# COMPACT_ATOMS: atom_id res chain seq x y z
N ASP A 3 -31.28 12.31 -10.32
CA ASP A 3 -30.61 12.65 -9.08
C ASP A 3 -30.67 11.49 -8.09
N ILE A 4 -29.52 10.89 -7.80
CA ILE A 4 -29.41 9.76 -6.89
C ILE A 4 -28.76 10.25 -5.60
N ILE A 5 -29.56 10.32 -4.53
CA ILE A 5 -29.09 10.81 -3.24
C ILE A 5 -29.20 9.69 -2.22
N ILE A 6 -28.14 9.48 -1.44
CA ILE A 6 -28.14 8.50 -0.38
C ILE A 6 -28.11 9.22 0.96
N ALA A 7 -28.91 8.73 1.90
CA ALA A 7 -28.94 9.25 3.27
C ALA A 7 -28.00 8.42 4.13
N THR A 8 -26.89 9.02 4.55
CA THR A 8 -25.96 8.37 5.46
C THR A 8 -26.33 8.68 6.90
N LYS A 9 -25.59 8.09 7.84
CA LYS A 9 -25.84 8.32 9.26
C LYS A 9 -25.55 9.76 9.66
N ASN A 10 -24.70 10.47 8.92
CA ASN A 10 -24.35 11.85 9.22
C ASN A 10 -25.05 12.86 8.32
N GLY A 11 -25.86 12.39 7.37
CA GLY A 11 -26.55 13.30 6.47
C GLY A 11 -26.58 12.80 5.04
N LYS A 12 -27.32 13.50 4.18
CA LYS A 12 -27.46 13.10 2.79
C LYS A 12 -26.23 13.49 1.98
N VAL A 13 -25.93 12.70 0.96
CA VAL A 13 -24.76 12.92 0.10
C VAL A 13 -25.21 12.89 -1.35
N ARG A 14 -24.61 13.73 -2.18
CA ARG A 14 -24.98 13.81 -3.59
C ARG A 14 -23.87 13.17 -4.44
N GLY A 15 -24.25 12.17 -5.22
CA GLY A 15 -23.34 11.50 -6.12
C GLY A 15 -23.49 11.99 -7.55
N MET A 16 -22.97 11.19 -8.48
CA MET A 16 -23.04 11.51 -9.88
C MET A 16 -22.98 10.23 -10.70
N GLN A 17 -23.56 10.26 -11.89
CA GLN A 17 -23.64 9.09 -12.75
C GLN A 17 -22.51 9.14 -13.78
N LEU A 18 -21.85 8.01 -13.99
CA LEU A 18 -20.81 7.88 -14.98
C LEU A 18 -21.17 6.76 -15.95
N THR A 19 -20.85 6.97 -17.23
CA THR A 19 -21.08 5.96 -18.25
C THR A 19 -19.82 5.12 -18.41
N VAL A 20 -19.93 3.82 -18.14
CA VAL A 20 -18.81 2.89 -18.26
C VAL A 20 -19.28 1.69 -19.06
N PHE A 21 -18.65 1.45 -20.20
CA PHE A 21 -18.86 0.26 -21.03
C PHE A 21 -20.35 0.07 -21.35
N GLY A 22 -20.96 1.13 -21.88
CA GLY A 22 -22.36 1.07 -22.26
C GLY A 22 -23.30 0.96 -21.09
N GLY A 23 -22.75 1.06 -19.89
CA GLY A 23 -23.55 0.98 -18.67
C GLY A 23 -23.36 2.21 -17.81
N THR A 24 -23.84 2.16 -16.58
CA THR A 24 -23.80 3.30 -15.67
C THR A 24 -23.21 2.87 -14.33
N VAL A 25 -22.37 3.74 -13.76
CA VAL A 25 -21.84 3.60 -12.42
C VAL A 25 -22.13 4.89 -11.67
N THR A 26 -22.54 4.77 -10.41
CA THR A 26 -22.79 5.92 -9.55
C THR A 26 -21.57 6.14 -8.65
N ALA A 27 -21.04 7.36 -8.66
CA ALA A 27 -19.82 7.69 -7.94
C ALA A 27 -20.09 8.75 -6.89
N PHE A 28 -19.52 8.55 -5.71
CA PHE A 28 -19.59 9.51 -4.60
C PHE A 28 -18.16 9.85 -4.21
N LEU A 29 -17.63 10.93 -4.76
CA LEU A 29 -16.24 11.32 -4.54
C LEU A 29 -16.16 12.40 -3.46
N GLY A 30 -15.36 12.15 -2.43
CA GLY A 30 -15.08 13.16 -1.43
C GLY A 30 -16.08 13.23 -0.29
N ILE A 31 -16.51 12.08 0.21
CA ILE A 31 -17.38 12.06 1.39
C ILE A 31 -16.51 12.25 2.62
N PRO A 32 -16.78 13.25 3.47
CA PRO A 32 -16.00 13.39 4.70
C PRO A 32 -16.35 12.29 5.69
N TYR A 33 -15.33 11.69 6.30
CA TYR A 33 -15.56 10.65 7.28
C TYR A 33 -14.95 10.97 8.64
N ALA A 34 -14.35 12.15 8.80
CA ALA A 34 -13.81 12.55 10.10
C ALA A 34 -13.74 14.07 10.13
N GLN A 35 -13.65 14.60 11.34
CA GLN A 35 -13.41 16.04 11.49
C GLN A 35 -12.03 16.38 10.94
N PRO A 36 -11.90 17.49 10.20
CA PRO A 36 -10.59 17.90 9.71
C PRO A 36 -9.58 18.03 10.84
N PRO A 37 -8.48 17.28 10.79
CA PRO A 37 -7.50 17.27 11.89
C PRO A 37 -6.60 18.50 11.86
N LEU A 38 -7.19 19.66 12.15
CA LEU A 38 -6.51 20.94 12.10
C LEU A 38 -6.34 21.52 13.50
N GLY A 39 -5.37 22.41 13.62
CA GLY A 39 -5.17 23.13 14.87
C GLY A 39 -4.82 22.20 16.00
N ARG A 40 -5.66 22.20 17.04
CA ARG A 40 -5.44 21.32 18.19
C ARG A 40 -5.56 19.85 17.83
N LEU A 41 -6.24 19.53 16.73
CA LEU A 41 -6.47 18.15 16.32
C LEU A 41 -5.32 17.57 15.50
N ARG A 42 -4.31 18.37 15.18
CA ARG A 42 -3.15 17.85 14.48
C ARG A 42 -2.41 16.85 15.37
N PHE A 43 -1.94 15.76 14.76
CA PHE A 43 -1.22 14.66 15.40
C PHE A 43 -2.12 13.78 16.26
N LYS A 44 -3.38 14.14 16.45
CA LYS A 44 -4.30 13.34 17.25
C LYS A 44 -5.00 12.30 16.39
N LYS A 45 -5.61 11.34 17.06
CA LYS A 45 -6.45 10.36 16.37
C LYS A 45 -7.63 11.08 15.73
N PRO A 46 -8.17 10.56 14.62
CA PRO A 46 -9.28 11.23 13.97
C PRO A 46 -10.51 11.27 14.86
N GLN A 47 -11.10 12.45 14.94
CA GLN A 47 -12.34 12.63 15.68
C GLN A 47 -13.54 12.38 14.77
N SER A 48 -14.59 11.82 15.34
CA SER A 48 -15.74 11.43 14.52
C SER A 48 -16.58 12.64 14.13
N LEU A 49 -17.19 12.55 12.96
CA LEU A 49 -17.87 13.68 12.32
C LEU A 49 -19.25 13.92 12.92
N THR A 50 -19.74 15.14 12.75
CA THR A 50 -21.08 15.50 13.21
C THR A 50 -22.01 15.69 12.02
N LYS A 51 -23.31 15.69 12.30
CA LYS A 51 -24.31 15.69 11.25
C LYS A 51 -24.40 17.04 10.56
N TRP A 52 -24.64 17.00 9.25
CA TRP A 52 -24.99 18.18 8.48
C TRP A 52 -26.44 18.04 8.01
N SER A 53 -27.17 19.16 8.04
CA SER A 53 -28.60 19.13 7.76
C SER A 53 -28.93 19.29 6.29
N ASP A 54 -27.98 19.68 5.45
CA ASP A 54 -28.24 19.83 4.02
C ASP A 54 -27.71 18.63 3.25
N ILE A 55 -27.40 18.82 1.98
CA ILE A 55 -26.96 17.75 1.10
C ILE A 55 -25.50 18.01 0.71
N TRP A 56 -24.61 17.10 1.14
CA TRP A 56 -23.21 17.20 0.77
C TRP A 56 -23.02 16.74 -0.67
N ASN A 57 -22.38 17.59 -1.48
CA ASN A 57 -22.11 17.27 -2.88
C ASN A 57 -20.81 16.48 -2.96
N ALA A 58 -20.94 15.17 -3.11
CA ALA A 58 -19.78 14.29 -3.29
C ALA A 58 -19.56 14.04 -4.78
N THR A 59 -19.22 15.12 -5.48
CA THR A 59 -19.15 15.11 -6.93
C THR A 59 -17.75 15.41 -7.47
N LYS A 60 -16.75 15.49 -6.61
CA LYS A 60 -15.38 15.62 -7.07
C LYS A 60 -14.44 15.10 -5.99
N TYR A 61 -13.26 14.66 -6.42
CA TYR A 61 -12.25 14.21 -5.47
C TYR A 61 -11.91 15.34 -4.50
N ALA A 62 -11.66 14.97 -3.25
CA ALA A 62 -11.33 15.95 -2.23
C ALA A 62 -9.83 16.21 -2.21
N ASN A 63 -9.40 17.06 -1.28
CA ASN A 63 -7.97 17.34 -1.09
C ASN A 63 -7.21 16.07 -0.76
N SER A 64 -5.96 16.00 -1.23
CA SER A 64 -5.01 14.99 -0.80
C SER A 64 -4.26 15.49 0.44
N CYS A 65 -3.83 14.55 1.26
CA CYS A 65 -3.15 14.90 2.50
C CYS A 65 -1.78 15.49 2.20
N CYS A 66 -1.32 16.37 3.10
CA CYS A 66 -0.02 17.00 2.95
C CYS A 66 1.07 15.94 2.80
N GLN A 67 2.02 16.19 1.89
CA GLN A 67 3.05 15.22 1.58
C GLN A 67 4.08 15.88 0.67
N ASN A 68 5.29 15.31 0.66
CA ASN A 68 6.32 15.73 -0.26
C ASN A 68 6.14 15.07 -1.61
N ILE A 69 6.57 15.77 -2.66
CA ILE A 69 6.34 15.38 -4.04
C ILE A 69 7.61 14.77 -4.62
N ASP A 70 7.43 13.80 -5.51
CA ASP A 70 8.54 13.22 -6.28
C ASP A 70 8.93 14.21 -7.39
N GLN A 71 10.02 14.94 -7.18
CA GLN A 71 10.50 15.92 -8.14
C GLN A 71 11.74 15.45 -8.88
N SER A 72 12.00 14.14 -8.91
CA SER A 72 13.22 13.63 -9.53
C SER A 72 13.19 13.75 -11.05
N PHE A 73 12.03 13.59 -11.67
CA PHE A 73 11.90 13.61 -13.13
C PHE A 73 10.73 14.50 -13.52
N PRO A 74 10.91 15.81 -13.50
CA PRO A 74 9.81 16.72 -13.90
C PRO A 74 9.41 16.49 -15.34
N GLY A 75 8.10 16.41 -15.57
CA GLY A 75 7.57 16.20 -16.89
C GLY A 75 7.52 14.76 -17.35
N PHE A 76 7.96 13.82 -16.50
CA PHE A 76 8.03 12.41 -16.85
C PHE A 76 6.83 11.70 -16.24
N HIS A 77 6.02 11.07 -17.09
CA HIS A 77 4.79 10.46 -16.62
C HIS A 77 5.04 9.29 -15.68
N GLY A 78 6.19 8.62 -15.81
CA GLY A 78 6.44 7.44 -14.99
C GLY A 78 6.48 7.75 -13.51
N SER A 79 6.99 8.93 -13.15
CA SER A 79 7.02 9.34 -11.75
C SER A 79 5.86 10.26 -11.39
N GLU A 80 5.49 11.18 -12.28
CA GLU A 80 4.45 12.16 -11.97
C GLU A 80 3.08 11.53 -11.84
N MET A 81 2.84 10.38 -12.48
CA MET A 81 1.55 9.71 -12.36
C MET A 81 1.23 9.29 -10.94
N TRP A 82 2.25 9.26 -10.06
CA TRP A 82 2.05 8.90 -8.66
C TRP A 82 1.93 10.11 -7.75
N ASN A 83 2.25 11.31 -8.25
CA ASN A 83 2.12 12.51 -7.44
C ASN A 83 0.64 12.87 -7.28
N PRO A 84 0.28 13.56 -6.19
CA PRO A 84 -1.13 13.89 -5.96
C PRO A 84 -1.72 14.73 -7.09
N ASN A 85 -2.99 14.47 -7.39
CA ASN A 85 -3.69 15.19 -8.45
C ASN A 85 -4.82 16.07 -7.90
N THR A 86 -4.84 16.32 -6.60
CA THR A 86 -5.68 17.34 -6.01
C THR A 86 -4.85 18.20 -5.07
N ASP A 87 -5.40 19.34 -4.67
CA ASP A 87 -4.69 20.24 -3.77
C ASP A 87 -4.31 19.53 -2.47
N LEU A 88 -3.11 19.84 -1.98
CA LEU A 88 -2.65 19.29 -0.72
C LEU A 88 -3.19 20.10 0.45
N SER A 89 -3.65 19.40 1.49
CA SER A 89 -4.26 20.08 2.62
C SER A 89 -4.31 19.13 3.81
N GLU A 90 -4.22 19.70 5.01
CA GLU A 90 -4.48 18.93 6.22
C GLU A 90 -5.94 18.46 6.26
N ASP A 91 -6.84 19.24 5.67
CA ASP A 91 -8.25 18.88 5.52
C ASP A 91 -8.35 17.89 4.36
N CYS A 92 -8.11 16.61 4.68
CA CYS A 92 -7.99 15.62 3.62
C CYS A 92 -8.66 14.29 3.96
N LEU A 93 -9.33 14.17 5.10
CA LEU A 93 -9.88 12.88 5.52
C LEU A 93 -11.25 12.70 4.87
N TYR A 94 -11.21 12.25 3.62
CA TYR A 94 -12.39 11.99 2.82
C TYR A 94 -12.26 10.62 2.17
N LEU A 95 -13.39 10.08 1.72
CA LEU A 95 -13.41 8.79 1.05
C LEU A 95 -14.28 8.86 -0.20
N ASN A 96 -14.12 7.85 -1.04
CA ASN A 96 -14.86 7.73 -2.29
C ASN A 96 -15.52 6.36 -2.35
N VAL A 97 -16.68 6.29 -3.01
CA VAL A 97 -17.40 5.03 -3.15
C VAL A 97 -18.02 4.96 -4.54
N TRP A 98 -17.80 3.84 -5.22
CA TRP A 98 -18.34 3.58 -6.54
C TRP A 98 -19.42 2.50 -6.42
N ILE A 99 -20.61 2.80 -6.92
CA ILE A 99 -21.77 1.93 -6.81
C ILE A 99 -22.16 1.48 -8.21
N PRO A 100 -22.38 0.19 -8.45
CA PRO A 100 -22.91 -0.25 -9.74
C PRO A 100 -24.34 0.24 -9.93
N ALA A 101 -24.71 0.44 -11.19
CA ALA A 101 -26.08 0.79 -11.53
C ALA A 101 -26.71 -0.33 -12.36
N PRO A 102 -27.95 -0.74 -12.04
CA PRO A 102 -28.76 -0.19 -10.95
C PRO A 102 -28.25 -0.61 -9.56
N LYS A 103 -28.80 0.02 -8.52
CA LYS A 103 -28.35 -0.16 -7.15
C LYS A 103 -28.34 -1.65 -6.77
N PRO A 104 -27.21 -2.19 -6.33
CA PRO A 104 -27.17 -3.61 -5.96
C PRO A 104 -27.95 -3.88 -4.69
N LYS A 105 -28.37 -5.13 -4.55
CA LYS A 105 -29.13 -5.53 -3.37
C LYS A 105 -28.23 -5.70 -2.16
N ASN A 106 -27.08 -6.37 -2.31
CA ASN A 106 -26.24 -6.73 -1.19
C ASN A 106 -24.82 -6.98 -1.66
N ALA A 107 -24.21 -6.00 -2.32
CA ALA A 107 -22.95 -6.23 -3.01
C ALA A 107 -21.78 -6.33 -2.03
N THR A 108 -20.80 -7.15 -2.42
CA THR A 108 -19.54 -7.22 -1.71
C THR A 108 -18.76 -5.92 -1.90
N VAL A 109 -18.04 -5.50 -0.85
CA VAL A 109 -17.34 -4.22 -0.83
C VAL A 109 -15.85 -4.47 -0.87
N LEU A 110 -15.16 -3.76 -1.78
CA LEU A 110 -13.71 -3.73 -1.84
C LEU A 110 -13.23 -2.36 -1.35
N ILE A 111 -12.31 -2.37 -0.37
CA ILE A 111 -11.79 -1.13 0.21
C ILE A 111 -10.30 -1.03 -0.13
N TRP A 112 -9.96 -0.03 -0.94
CA TRP A 112 -8.59 0.18 -1.38
C TRP A 112 -7.84 1.08 -0.40
N ILE A 113 -6.61 0.69 -0.08
CA ILE A 113 -5.71 1.49 0.76
C ILE A 113 -4.43 1.71 -0.05
N TYR A 114 -4.21 2.95 -0.48
CA TYR A 114 -3.05 3.22 -1.31
C TYR A 114 -1.76 3.13 -0.49
N GLY A 115 -0.65 2.91 -1.21
CA GLY A 115 0.67 2.91 -0.62
C GLY A 115 1.48 4.15 -1.00
N GLY A 116 2.73 4.14 -0.56
CA GLY A 116 3.62 5.26 -0.75
C GLY A 116 4.60 5.45 0.40
N GLY A 117 5.06 4.34 1.00
CA GLY A 117 6.00 4.41 2.09
C GLY A 117 5.49 5.13 3.32
N PHE A 118 4.17 5.23 3.48
CA PHE A 118 3.53 5.99 4.56
C PHE A 118 3.92 7.47 4.54
N GLN A 119 4.47 7.95 3.44
CA GLN A 119 4.83 9.35 3.31
CA GLN A 119 4.85 9.35 3.29
C GLN A 119 4.09 10.07 2.19
N THR A 120 3.63 9.36 1.16
CA THR A 120 2.94 9.94 0.03
C THR A 120 1.72 9.09 -0.32
N GLY A 121 0.94 9.57 -1.28
CA GLY A 121 -0.18 8.81 -1.80
C GLY A 121 -1.51 9.53 -1.69
N THR A 122 -2.45 9.17 -2.55
CA THR A 122 -3.81 9.69 -2.46
C THR A 122 -4.73 8.74 -3.23
N SER A 123 -6.00 8.70 -2.80
CA SER A 123 -6.96 7.79 -3.41
C SER A 123 -7.50 8.30 -4.73
N SER A 124 -7.23 9.56 -5.09
CA SER A 124 -7.80 10.15 -6.29
C SER A 124 -7.00 9.86 -7.56
N LEU A 125 -5.95 9.05 -7.47
CA LEU A 125 -5.12 8.80 -8.65
C LEU A 125 -5.90 8.06 -9.73
N HIS A 126 -5.44 8.24 -10.97
CA HIS A 126 -6.13 7.68 -12.13
C HIS A 126 -6.18 6.15 -12.08
N VAL A 127 -5.09 5.52 -11.62
CA VAL A 127 -5.04 4.06 -11.60
C VAL A 127 -5.80 3.45 -10.43
N TYR A 128 -6.35 4.27 -9.54
CA TYR A 128 -7.19 3.78 -8.45
C TYR A 128 -8.67 3.99 -8.72
N ASP A 129 -9.05 4.31 -9.96
CA ASP A 129 -10.44 4.57 -10.31
C ASP A 129 -11.25 3.29 -10.19
N GLY A 130 -12.18 3.25 -9.23
CA GLY A 130 -12.95 2.06 -8.97
C GLY A 130 -14.17 1.83 -9.84
N LYS A 131 -14.42 2.69 -10.84
CA LYS A 131 -15.64 2.57 -11.62
C LYS A 131 -15.65 1.32 -12.48
N PHE A 132 -14.49 0.86 -12.94
CA PHE A 132 -14.44 -0.34 -13.78
C PHE A 132 -14.81 -1.58 -12.98
N LEU A 133 -14.27 -1.71 -11.76
CA LEU A 133 -14.62 -2.84 -10.91
C LEU A 133 -16.10 -2.83 -10.57
N ALA A 134 -16.65 -1.65 -10.29
CA ALA A 134 -18.08 -1.56 -10.00
C ALA A 134 -18.92 -1.96 -11.20
N ARG A 135 -18.49 -1.58 -12.40
CA ARG A 135 -19.27 -1.88 -13.59
C ARG A 135 -19.16 -3.35 -14.00
N VAL A 136 -17.95 -3.91 -13.95
CA VAL A 136 -17.71 -5.23 -14.53
C VAL A 136 -18.12 -6.34 -13.57
N GLU A 137 -17.75 -6.22 -12.29
CA GLU A 137 -18.02 -7.26 -11.32
C GLU A 137 -19.17 -6.92 -10.37
N ARG A 138 -19.78 -5.75 -10.53
CA ARG A 138 -20.93 -5.34 -9.71
C ARG A 138 -20.58 -5.42 -8.22
N VAL A 139 -19.36 -5.03 -7.89
CA VAL A 139 -18.95 -4.86 -6.51
C VAL A 139 -18.96 -3.37 -6.18
N ILE A 140 -18.89 -3.05 -4.89
CA ILE A 140 -18.77 -1.68 -4.44
C ILE A 140 -17.31 -1.43 -4.07
N VAL A 141 -16.75 -0.34 -4.59
CA VAL A 141 -15.36 0.01 -4.35
C VAL A 141 -15.33 1.25 -3.46
N VAL A 142 -14.58 1.17 -2.37
CA VAL A 142 -14.37 2.29 -1.46
C VAL A 142 -12.87 2.56 -1.37
N SER A 143 -12.50 3.84 -1.31
CA SER A 143 -11.12 4.24 -1.06
C SER A 143 -11.12 5.49 -0.20
N MET A 144 -10.09 5.64 0.62
CA MET A 144 -9.99 6.76 1.54
C MET A 144 -8.60 7.37 1.46
N ASN A 145 -8.54 8.65 1.81
CA ASN A 145 -7.28 9.33 2.08
C ASN A 145 -6.98 9.24 3.57
N TYR A 146 -5.73 8.97 3.90
CA TYR A 146 -5.27 8.91 5.28
C TYR A 146 -4.00 9.72 5.41
N ARG A 147 -3.79 10.28 6.60
CA ARG A 147 -2.63 11.14 6.82
C ARG A 147 -1.33 10.34 6.68
N VAL A 148 -0.33 10.97 6.08
CA VAL A 148 0.96 10.34 5.81
C VAL A 148 2.06 11.23 6.39
N GLY A 149 3.27 10.68 6.42
CA GLY A 149 4.39 11.41 6.97
C GLY A 149 4.24 11.65 8.46
N ALA A 150 4.94 12.68 8.94
CA ALA A 150 4.90 13.01 10.35
C ALA A 150 3.49 13.39 10.80
N LEU A 151 2.71 14.03 9.93
CA LEU A 151 1.34 14.39 10.29
C LEU A 151 0.48 13.17 10.54
N GLY A 152 0.87 12.00 10.03
CA GLY A 152 0.08 10.80 10.23
C GLY A 152 0.72 9.76 11.13
N PHE A 153 2.03 9.89 11.39
CA PHE A 153 2.73 8.84 12.12
C PHE A 153 3.77 9.35 13.11
N LEU A 154 3.81 10.65 13.40
CA LEU A 154 4.65 11.13 14.49
C LEU A 154 4.24 10.46 15.79
N ALA A 155 5.22 10.06 16.60
CA ALA A 155 4.95 9.19 17.74
C ALA A 155 5.71 9.66 18.97
N LEU A 156 4.96 9.99 20.02
CA LEU A 156 5.46 9.98 21.40
C LEU A 156 4.64 8.92 22.11
N PRO A 157 5.18 7.71 22.30
CA PRO A 157 4.34 6.58 22.75
C PRO A 157 3.63 6.86 24.06
N GLY A 158 2.33 6.56 24.09
CA GLY A 158 1.51 6.78 25.25
C GLY A 158 0.98 8.20 25.41
N ASN A 159 1.45 9.14 24.60
CA ASN A 159 1.01 10.53 24.69
C ASN A 159 -0.12 10.76 23.70
N PRO A 160 -1.34 11.02 24.15
CA PRO A 160 -2.47 11.14 23.21
C PRO A 160 -2.41 12.38 22.31
N GLU A 161 -1.49 13.31 22.56
CA GLU A 161 -1.32 14.42 21.63
C GLU A 161 -0.53 14.02 20.40
N ALA A 162 0.29 12.97 20.52
CA ALA A 162 0.98 12.38 19.36
C ALA A 162 1.22 10.91 19.65
N PRO A 163 0.17 10.09 19.60
CA PRO A 163 0.31 8.69 20.02
C PRO A 163 0.92 7.77 18.97
N GLY A 164 1.03 8.22 17.72
CA GLY A 164 1.44 7.35 16.65
C GLY A 164 0.27 6.68 15.95
N ASN A 165 0.54 6.13 14.77
CA ASN A 165 -0.41 5.35 13.99
C ASN A 165 -1.68 6.12 13.64
N MET A 166 -1.61 7.45 13.64
CA MET A 166 -2.80 8.25 13.34
C MET A 166 -3.34 7.93 11.94
N GLY A 167 -2.45 7.77 10.96
CA GLY A 167 -2.90 7.42 9.62
C GLY A 167 -3.58 6.07 9.57
N LEU A 168 -3.13 5.13 10.40
CA LEU A 168 -3.80 3.84 10.48
C LEU A 168 -5.17 3.97 11.11
N PHE A 169 -5.31 4.85 12.11
CA PHE A 169 -6.63 5.12 12.67
C PHE A 169 -7.53 5.85 11.68
N ASP A 170 -6.95 6.67 10.79
CA ASP A 170 -7.72 7.26 9.71
C ASP A 170 -8.35 6.17 8.85
N GLN A 171 -7.55 5.24 8.34
CA GLN A 171 -8.06 4.10 7.58
C GLN A 171 -9.13 3.36 8.38
N GLN A 172 -8.85 3.10 9.66
CA GLN A 172 -9.79 2.34 10.48
C GLN A 172 -11.13 3.06 10.63
N LEU A 173 -11.09 4.38 10.82
CA LEU A 173 -12.34 5.13 10.91
C LEU A 173 -13.10 5.08 9.59
N ALA A 174 -12.40 5.04 8.46
CA ALA A 174 -13.07 4.86 7.18
C ALA A 174 -13.71 3.48 7.08
N LEU A 175 -13.03 2.45 7.59
CA LEU A 175 -13.63 1.12 7.66
C LEU A 175 -14.91 1.15 8.50
N GLN A 176 -14.87 1.86 9.63
CA GLN A 176 -16.07 1.99 10.46
CA GLN A 176 -16.07 1.99 10.46
C GLN A 176 -17.19 2.70 9.70
N TRP A 177 -16.84 3.73 8.92
CA TRP A 177 -17.84 4.41 8.10
C TRP A 177 -18.54 3.44 7.16
N VAL A 178 -17.76 2.56 6.51
CA VAL A 178 -18.36 1.55 5.64
C VAL A 178 -19.33 0.66 6.42
N GLN A 179 -18.91 0.21 7.60
CA GLN A 179 -19.77 -0.67 8.40
C GLN A 179 -21.10 0.00 8.71
N LYS A 180 -21.09 1.30 8.98
CA LYS A 180 -22.30 1.99 9.40
C LYS A 180 -23.16 2.48 8.25
N ASN A 181 -22.57 2.71 7.07
CA ASN A 181 -23.28 3.40 6.00
C ASN A 181 -23.41 2.63 4.70
N ILE A 182 -22.57 1.62 4.45
CA ILE A 182 -22.54 1.02 3.12
C ILE A 182 -23.83 0.29 2.79
N ALA A 183 -24.63 -0.09 3.80
CA ALA A 183 -25.91 -0.73 3.51
C ALA A 183 -26.84 0.23 2.78
N ALA A 184 -26.81 1.52 3.14
CA ALA A 184 -27.63 2.51 2.44
C ALA A 184 -27.22 2.67 0.98
N PHE A 185 -26.02 2.21 0.61
CA PHE A 185 -25.56 2.26 -0.77
C PHE A 185 -25.79 0.96 -1.52
N GLY A 186 -26.38 -0.04 -0.87
CA GLY A 186 -26.55 -1.35 -1.47
C GLY A 186 -25.43 -2.33 -1.20
N GLY A 187 -24.57 -2.05 -0.22
CA GLY A 187 -23.44 -2.90 0.08
C GLY A 187 -23.69 -3.81 1.27
N ASN A 188 -22.90 -4.88 1.32
CA ASN A 188 -22.97 -5.84 2.40
C ASN A 188 -21.85 -5.54 3.39
N PRO A 189 -22.13 -4.98 4.58
CA PRO A 189 -21.05 -4.72 5.54
C PRO A 189 -20.38 -5.99 6.05
N LYS A 190 -21.00 -7.15 5.86
CA LYS A 190 -20.42 -8.43 6.28
C LYS A 190 -19.58 -9.08 5.19
N SER A 191 -19.48 -8.46 4.02
CA SER A 191 -18.63 -8.96 2.94
C SER A 191 -17.74 -7.80 2.48
N VAL A 192 -16.71 -7.51 3.29
CA VAL A 192 -15.81 -6.39 3.04
C VAL A 192 -14.40 -6.95 2.90
N THR A 193 -13.76 -6.67 1.77
CA THR A 193 -12.40 -7.13 1.51
C THR A 193 -11.49 -5.92 1.38
N LEU A 194 -10.47 -5.84 2.23
CA LEU A 194 -9.45 -4.82 2.09
C LEU A 194 -8.44 -5.25 1.05
N PHE A 195 -8.04 -4.33 0.19
CA PHE A 195 -6.92 -4.58 -0.71
C PHE A 195 -6.11 -3.30 -0.87
N GLY A 196 -4.79 -3.47 -0.93
CA GLY A 196 -3.87 -2.35 -0.98
C GLY A 196 -2.52 -2.80 -1.51
N GLU A 197 -1.71 -1.81 -1.86
CA GLU A 197 -0.41 -2.05 -2.47
C GLU A 197 0.66 -1.25 -1.75
N SER A 198 1.86 -1.85 -1.63
CA SER A 198 3.04 -1.23 -1.02
C SER A 198 2.69 -0.90 0.43
N ALA A 199 2.84 0.36 0.89
CA ALA A 199 2.48 0.68 2.26
C ALA A 199 1.01 0.43 2.53
N GLY A 200 0.17 0.49 1.50
CA GLY A 200 -1.21 0.07 1.65
C GLY A 200 -1.34 -1.40 1.99
N ALA A 201 -0.51 -2.24 1.36
CA ALA A 201 -0.55 -3.67 1.67
C ALA A 201 -0.02 -3.94 3.08
N ALA A 202 1.01 -3.21 3.49
CA ALA A 202 1.47 -3.31 4.88
C ALA A 202 0.38 -2.82 5.84
N SER A 203 -0.33 -1.77 5.46
CA SER A 203 -1.46 -1.30 6.25
C SER A 203 -2.49 -2.42 6.41
N VAL A 204 -2.84 -3.07 5.29
CA VAL A 204 -3.79 -4.17 5.31
C VAL A 204 -3.31 -5.27 6.26
N SER A 205 -2.01 -5.59 6.21
CA SER A 205 -1.50 -6.66 7.06
C SER A 205 -1.59 -6.28 8.55
N LEU A 206 -1.46 -4.99 8.86
CA LEU A 206 -1.57 -4.57 10.26
C LEU A 206 -3.02 -4.50 10.73
N HIS A 207 -3.95 -4.24 9.81
CA HIS A 207 -5.36 -4.37 10.19
C HIS A 207 -5.70 -5.81 10.56
N LEU A 208 -5.04 -6.79 9.92
CA LEU A 208 -5.21 -8.18 10.32
C LEU A 208 -4.69 -8.42 11.73
N LEU A 209 -3.70 -7.63 12.18
CA LEU A 209 -3.15 -7.79 13.52
C LEU A 209 -3.86 -6.96 14.58
N SER A 210 -4.60 -5.93 14.18
CA SER A 210 -5.16 -4.99 15.14
C SER A 210 -6.55 -5.46 15.58
N PRO A 211 -6.78 -5.71 16.87
CA PRO A 211 -8.11 -6.16 17.30
C PRO A 211 -9.22 -5.17 16.95
N GLY A 212 -8.93 -3.86 17.01
CA GLY A 212 -9.93 -2.86 16.67
C GLY A 212 -10.43 -2.93 15.23
N SER A 213 -9.67 -3.55 14.34
CA SER A 213 -10.07 -3.68 12.94
C SER A 213 -10.70 -5.03 12.62
N HIS A 214 -10.68 -5.98 13.56
CA HIS A 214 -11.07 -7.35 13.22
CA HIS A 214 -11.09 -7.36 13.25
C HIS A 214 -12.52 -7.42 12.75
N SER A 215 -13.43 -6.67 13.37
CA SER A 215 -14.84 -6.72 13.02
C SER A 215 -15.21 -5.79 11.87
N LEU A 216 -14.24 -5.12 11.25
CA LEU A 216 -14.52 -4.11 10.24
C LEU A 216 -14.30 -4.60 8.81
N PHE A 217 -13.87 -5.84 8.62
CA PHE A 217 -13.67 -6.39 7.28
C PHE A 217 -13.71 -7.90 7.37
N THR A 218 -13.79 -8.54 6.19
CA THR A 218 -13.92 -9.98 6.10
C THR A 218 -12.61 -10.67 5.73
N ARG A 219 -11.98 -10.28 4.63
CA ARG A 219 -10.68 -10.82 4.26
C ARG A 219 -9.84 -9.73 3.62
N ALA A 220 -8.66 -10.11 3.11
CA ALA A 220 -7.63 -9.12 2.82
C ALA A 220 -6.77 -9.54 1.63
N ILE A 221 -6.34 -8.54 0.86
CA ILE A 221 -5.47 -8.72 -0.30
C ILE A 221 -4.25 -7.83 -0.14
N LEU A 222 -3.07 -8.40 -0.32
CA LEU A 222 -1.80 -7.69 -0.06
C LEU A 222 -0.95 -7.75 -1.33
N GLN A 223 -0.85 -6.64 -2.04
CA GLN A 223 -0.06 -6.56 -3.26
C GLN A 223 1.25 -5.82 -2.96
N SER A 224 2.37 -6.53 -3.11
CA SER A 224 3.71 -5.94 -3.01
C SER A 224 3.91 -5.23 -1.67
N GLY A 225 3.59 -5.91 -0.58
CA GLY A 225 3.84 -5.32 0.72
C GLY A 225 3.30 -6.08 1.91
N SER A 226 3.96 -5.91 3.07
CA SER A 226 3.54 -6.52 4.32
C SER A 226 4.31 -5.84 5.44
N PHE A 227 3.76 -5.93 6.67
CA PHE A 227 4.35 -5.20 7.79
C PHE A 227 5.76 -5.68 8.10
N ASN A 228 6.08 -6.93 7.77
CA ASN A 228 7.41 -7.46 8.10
C ASN A 228 8.48 -7.04 7.10
N ALA A 229 8.13 -6.26 6.09
CA ALA A 229 9.15 -5.69 5.22
C ALA A 229 10.04 -4.76 6.03
N PRO A 230 11.33 -4.66 5.69
CA PRO A 230 12.26 -3.89 6.53
C PRO A 230 11.97 -2.39 6.58
N TRP A 231 11.14 -1.87 5.68
CA TRP A 231 10.80 -0.45 5.67
C TRP A 231 9.47 -0.15 6.37
N ALA A 232 8.75 -1.16 6.83
CA ALA A 232 7.33 -0.99 7.14
C ALA A 232 7.03 -0.64 8.59
N VAL A 233 7.93 -0.95 9.54
CA VAL A 233 7.70 -0.66 10.94
C VAL A 233 8.93 0.02 11.51
N THR A 234 8.73 1.12 12.23
CA THR A 234 9.81 1.82 12.92
C THR A 234 9.85 1.39 14.37
N SER A 235 11.05 1.10 14.88
CA SER A 235 11.21 0.81 16.29
C SER A 235 10.89 2.04 17.12
N LEU A 236 10.47 1.81 18.37
CA LEU A 236 10.06 2.92 19.22
C LEU A 236 11.24 3.79 19.63
N TYR A 237 12.45 3.23 19.64
CA TYR A 237 13.63 4.08 19.85
C TYR A 237 13.82 5.02 18.67
N GLU A 238 13.75 4.48 17.45
CA GLU A 238 13.86 5.32 16.26
C GLU A 238 12.73 6.35 16.21
N ALA A 239 11.52 5.94 16.60
CA ALA A 239 10.38 6.86 16.57
C ALA A 239 10.62 8.05 17.49
N ARG A 240 11.08 7.79 18.72
CA ARG A 240 11.37 8.88 19.64
C ARG A 240 12.53 9.72 19.14
N ASN A 241 13.60 9.09 18.67
CA ASN A 241 14.75 9.82 18.16
C ASN A 241 14.38 10.68 16.97
N ARG A 242 13.47 10.21 16.12
CA ARG A 242 13.05 10.99 14.95
C ARG A 242 12.09 12.11 15.33
N THR A 243 11.25 11.89 16.34
CA THR A 243 10.37 12.96 16.82
C THR A 243 11.18 14.08 17.45
N LEU A 244 12.18 13.75 18.26
CA LEU A 244 13.02 14.77 18.86
C LEU A 244 13.86 15.49 17.82
N ASN A 245 14.24 14.79 16.74
CA ASN A 245 15.05 15.42 15.69
C ASN A 245 14.24 16.45 14.92
N LEU A 246 13.01 16.12 14.56
CA LEU A 246 12.16 17.09 13.88
C LEU A 246 11.84 18.27 14.79
N ALA A 247 11.66 18.02 16.09
CA ALA A 247 11.47 19.13 17.02
C ALA A 247 12.69 20.04 17.05
N LYS A 248 13.89 19.45 17.01
CA LYS A 248 15.11 20.27 16.98
C LYS A 248 15.22 21.01 15.66
N LEU A 249 14.93 20.35 14.54
CA LEU A 249 15.04 20.98 13.23
C LEU A 249 14.04 22.10 13.04
N THR A 250 12.95 22.11 13.82
CA THR A 250 11.96 23.18 13.76
C THR A 250 12.03 24.13 14.94
N GLY A 251 13.01 23.95 15.83
CA GLY A 251 13.11 24.81 17.00
C GLY A 251 12.05 24.54 18.04
N CYS A 252 11.52 23.31 18.09
CA CYS A 252 10.46 22.94 19.02
C CYS A 252 10.98 22.08 20.17
N SER A 253 12.29 22.06 20.39
CA SER A 253 12.87 21.26 21.47
C SER A 253 12.46 21.85 22.81
N ARG A 254 11.62 21.13 23.55
CA ARG A 254 11.19 21.52 24.88
C ARG A 254 11.38 20.35 25.84
N GLU A 255 11.49 20.68 27.13
CA GLU A 255 11.64 19.64 28.14
C GLU A 255 10.36 18.84 28.31
N ASN A 256 9.24 19.52 28.50
CA ASN A 256 7.94 18.85 28.55
C ASN A 256 7.61 18.29 27.17
N GLU A 257 7.39 16.98 27.09
CA GLU A 257 7.10 16.36 25.80
C GLU A 257 5.80 16.88 25.21
N THR A 258 4.82 17.22 26.06
CA THR A 258 3.57 17.76 25.55
C THR A 258 3.76 19.15 24.94
N GLU A 259 4.67 19.95 25.50
CA GLU A 259 4.93 21.28 24.95
C GLU A 259 5.66 21.19 23.61
N ILE A 260 6.42 20.11 23.38
CA ILE A 260 7.01 19.88 22.06
C ILE A 260 5.91 19.73 21.02
N ILE A 261 4.93 18.89 21.30
CA ILE A 261 3.85 18.69 20.34
C ILE A 261 3.13 20.00 20.04
N LYS A 262 2.73 20.73 21.09
CA LYS A 262 2.00 21.98 20.91
C LYS A 262 2.81 22.98 20.08
N CYS A 263 4.13 23.01 20.26
CA CYS A 263 4.97 23.82 19.39
C CYS A 263 4.86 23.37 17.95
N LEU A 264 4.80 22.05 17.73
CA LEU A 264 4.69 21.52 16.38
C LEU A 264 3.33 21.80 15.77
N ARG A 265 2.29 21.98 16.60
CA ARG A 265 0.97 22.30 16.08
C ARG A 265 0.83 23.76 15.66
N ASN A 266 1.82 24.60 15.95
CA ASN A 266 1.82 25.97 15.49
C ASN A 266 2.63 26.17 14.22
N LYS A 267 3.44 25.18 13.85
CA LYS A 267 4.24 25.29 12.63
C LYS A 267 3.40 25.02 11.39
N ASP A 268 3.73 25.72 10.32
CA ASP A 268 3.07 25.50 9.05
C ASP A 268 3.38 24.12 8.51
N PRO A 269 2.42 23.48 7.83
CA PRO A 269 2.66 22.11 7.33
C PRO A 269 3.91 21.96 6.48
N GLN A 270 4.24 22.97 5.65
CA GLN A 270 5.43 22.87 4.82
C GLN A 270 6.70 22.86 5.65
N GLU A 271 6.69 23.53 6.80
CA GLU A 271 7.82 23.45 7.72
C GLU A 271 8.03 22.03 8.21
N ILE A 272 6.93 21.34 8.56
CA ILE A 272 7.02 19.94 8.94
C ILE A 272 7.55 19.11 7.77
N LEU A 273 6.96 19.30 6.58
CA LEU A 273 7.33 18.49 5.43
C LEU A 273 8.78 18.70 5.03
N LEU A 274 9.24 19.95 5.06
CA LEU A 274 10.61 20.26 4.63
C LEU A 274 11.64 19.53 5.50
N ASN A 275 11.36 19.40 6.78
CA ASN A 275 12.32 18.79 7.72
C ASN A 275 12.12 17.30 7.90
N GLU A 276 11.12 16.70 7.27
CA GLU A 276 10.85 15.27 7.45
C GLU A 276 12.00 14.41 6.95
N ALA A 277 12.70 14.85 5.90
CA ALA A 277 13.72 14.01 5.29
C ALA A 277 14.99 13.92 6.12
N PHE A 278 15.19 14.83 7.08
CA PHE A 278 16.45 14.93 7.79
C PHE A 278 16.39 14.37 9.21
N VAL A 279 15.26 13.77 9.61
CA VAL A 279 15.19 13.20 10.95
C VAL A 279 16.03 11.94 11.11
N VAL A 280 16.51 11.37 10.01
CA VAL A 280 17.40 10.22 10.05
C VAL A 280 18.79 10.65 9.59
N PRO A 281 19.86 10.03 10.09
CA PRO A 281 21.21 10.41 9.63
C PRO A 281 21.42 10.09 8.16
N TYR A 282 21.35 8.81 7.82
CA TYR A 282 21.42 8.34 6.44
C TYR A 282 20.10 7.68 6.08
N GLY A 283 19.78 7.71 4.79
CA GLY A 283 18.56 7.13 4.29
C GLY A 283 18.80 6.30 3.04
N THR A 284 17.73 5.69 2.58
CA THR A 284 17.69 4.92 1.34
C THR A 284 16.50 5.38 0.53
N PRO A 285 16.45 5.05 -0.77
CA PRO A 285 15.24 5.37 -1.55
C PRO A 285 13.97 4.74 -1.00
N LEU A 286 14.07 3.76 -0.10
CA LEU A 286 12.89 3.14 0.50
C LEU A 286 12.68 3.55 1.95
N SER A 287 13.42 4.54 2.43
CA SER A 287 13.36 4.90 3.85
C SER A 287 12.00 5.46 4.21
N VAL A 288 11.41 4.95 5.28
CA VAL A 288 10.13 5.41 5.82
C VAL A 288 10.45 6.14 7.11
N ASN A 289 10.45 7.48 7.05
CA ASN A 289 10.87 8.27 8.21
C ASN A 289 9.86 8.19 9.34
N PHE A 290 8.57 8.32 9.02
CA PHE A 290 7.49 8.26 9.99
C PHE A 290 6.49 7.21 9.53
N GLY A 291 6.52 6.05 10.17
CA GLY A 291 5.62 4.97 9.83
C GLY A 291 4.99 4.35 11.06
N PRO A 292 4.37 3.18 10.87
CA PRO A 292 3.70 2.52 12.00
C PRO A 292 4.64 2.22 13.15
N THR A 293 4.11 2.35 14.37
CA THR A 293 4.83 2.04 15.59
C THR A 293 3.98 1.12 16.45
N VAL A 294 4.62 0.48 17.43
CA VAL A 294 3.90 -0.24 18.47
C VAL A 294 3.42 0.80 19.47
N ASP A 295 2.16 1.21 19.36
CA ASP A 295 1.61 2.30 20.14
C ASP A 295 0.85 1.84 21.38
N GLY A 296 0.71 0.53 21.58
CA GLY A 296 -0.13 0.04 22.65
C GLY A 296 -1.61 0.26 22.44
N ASP A 297 -2.02 0.68 21.25
CA ASP A 297 -3.42 0.95 20.95
C ASP A 297 -3.82 0.21 19.67
N PHE A 298 -3.44 0.75 18.51
CA PHE A 298 -3.65 0.02 17.27
C PHE A 298 -2.84 -1.27 17.25
N LEU A 299 -1.63 -1.22 17.80
CA LEU A 299 -0.73 -2.37 17.84
CA LEU A 299 -0.71 -2.36 17.83
C LEU A 299 -0.37 -2.63 19.30
N THR A 300 -0.86 -3.76 19.83
CA THR A 300 -0.65 -4.08 21.23
C THR A 300 0.72 -4.63 21.54
N ASP A 301 1.46 -5.09 20.53
CA ASP A 301 2.76 -5.71 20.75
C ASP A 301 3.53 -5.63 19.43
N MET A 302 4.80 -5.99 19.49
CA MET A 302 5.61 -6.02 18.27
C MET A 302 4.96 -6.95 17.26
N PRO A 303 4.69 -6.50 16.03
CA PRO A 303 3.90 -7.31 15.11
C PRO A 303 4.55 -8.64 14.73
N ASP A 304 5.88 -8.73 14.78
N ASP A 304 5.89 -8.72 14.77
CA ASP A 304 6.53 -10.01 14.53
CA ASP A 304 6.54 -10.00 14.52
C ASP A 304 6.14 -11.06 15.55
C ASP A 304 6.09 -11.06 15.54
N ILE A 305 5.91 -10.64 16.80
CA ILE A 305 5.52 -11.58 17.83
C ILE A 305 4.07 -12.04 17.61
N LEU A 306 3.17 -11.10 17.30
CA LEU A 306 1.77 -11.45 17.08
C LEU A 306 1.62 -12.40 15.90
N LEU A 307 2.36 -12.15 14.81
CA LEU A 307 2.31 -13.03 13.66
C LEU A 307 2.83 -14.42 14.02
N GLU A 308 4.00 -14.48 14.66
CA GLU A 308 4.60 -15.76 15.00
C GLU A 308 3.72 -16.59 15.92
N LEU A 309 3.00 -15.93 16.83
CA LEU A 309 2.20 -16.65 17.82
C LEU A 309 0.72 -16.70 17.46
N GLY A 310 0.38 -16.43 16.21
CA GLY A 310 -0.98 -16.61 15.74
C GLY A 310 -2.01 -15.64 16.27
N GLN A 311 -1.60 -14.41 16.59
CA GLN A 311 -2.51 -13.42 17.15
C GLN A 311 -2.91 -12.46 16.02
N PHE A 312 -3.89 -12.89 15.23
CA PHE A 312 -4.39 -12.09 14.12
C PHE A 312 -5.74 -12.63 13.67
N LYS A 313 -6.41 -11.85 12.84
CA LYS A 313 -7.71 -12.25 12.31
C LYS A 313 -7.57 -13.52 11.49
N LYS A 314 -8.38 -14.53 11.84
CA LYS A 314 -8.37 -15.80 11.12
C LYS A 314 -9.31 -15.66 9.92
N THR A 315 -8.73 -15.50 8.73
CA THR A 315 -9.50 -15.31 7.52
C THR A 315 -8.61 -15.68 6.33
N GLN A 316 -9.17 -15.59 5.13
CA GLN A 316 -8.41 -15.88 3.92
C GLN A 316 -7.65 -14.63 3.48
N ILE A 317 -6.47 -14.85 2.87
CA ILE A 317 -5.67 -13.76 2.38
C ILE A 317 -5.19 -14.07 0.96
N LEU A 318 -4.94 -13.01 0.20
CA LEU A 318 -4.38 -13.08 -1.14
C LEU A 318 -3.15 -12.17 -1.16
N VAL A 319 -1.99 -12.76 -1.42
CA VAL A 319 -0.72 -12.05 -1.34
C VAL A 319 0.04 -12.26 -2.64
N GLY A 320 0.79 -11.26 -3.06
CA GLY A 320 1.60 -11.41 -4.26
C GLY A 320 2.59 -10.29 -4.43
N VAL A 321 3.48 -10.48 -5.39
CA VAL A 321 4.57 -9.56 -5.70
C VAL A 321 4.79 -9.54 -7.20
N ASN A 322 5.54 -8.54 -7.65
CA ASN A 322 5.89 -8.40 -9.05
C ASN A 322 7.32 -8.89 -9.30
N LYS A 323 7.61 -9.18 -10.56
CA LYS A 323 8.87 -9.82 -10.93
C LYS A 323 10.07 -8.91 -10.63
N ASP A 324 9.94 -7.61 -10.83
CA ASP A 324 11.05 -6.68 -10.63
C ASP A 324 10.65 -5.54 -9.70
N GLU A 325 10.32 -5.90 -8.46
CA GLU A 325 9.93 -4.91 -7.46
C GLU A 325 11.03 -3.89 -7.18
N GLY A 326 12.29 -4.28 -7.33
CA GLY A 326 13.38 -3.43 -6.88
C GLY A 326 13.94 -2.46 -7.90
N THR A 327 13.64 -2.65 -9.17
CA THR A 327 14.32 -1.87 -10.20
C THR A 327 14.00 -0.38 -10.13
N ALA A 328 12.78 -0.03 -9.74
CA ALA A 328 12.37 1.37 -9.72
C ALA A 328 13.29 2.22 -8.84
N PHE A 329 13.71 1.67 -7.71
CA PHE A 329 14.45 2.46 -6.73
C PHE A 329 15.91 2.70 -7.11
N LEU A 330 16.42 1.98 -8.11
CA LEU A 330 17.84 2.08 -8.45
C LEU A 330 18.19 3.45 -9.04
N VAL A 331 17.25 4.08 -9.76
CA VAL A 331 17.53 5.39 -10.33
C VAL A 331 17.41 6.52 -9.32
N TYR A 332 17.17 6.21 -8.05
CA TYR A 332 17.05 7.22 -7.00
C TYR A 332 18.25 7.20 -6.06
N GLY A 333 19.45 6.91 -6.58
CA GLY A 333 20.63 6.95 -5.76
C GLY A 333 21.77 6.03 -6.17
N ALA A 334 21.47 4.91 -6.83
CA ALA A 334 22.52 3.96 -7.18
C ALA A 334 23.36 4.50 -8.33
N PRO A 335 24.68 4.49 -8.21
CA PRO A 335 25.54 5.06 -9.26
C PRO A 335 25.54 4.20 -10.51
N GLY A 336 25.72 4.87 -11.65
CA GLY A 336 25.68 4.22 -12.94
C GLY A 336 24.30 3.92 -13.46
N PHE A 337 23.25 4.17 -12.67
CA PHE A 337 21.89 3.88 -13.08
C PHE A 337 21.21 5.14 -13.60
N SER A 338 20.36 4.96 -14.60
CA SER A 338 19.61 6.04 -15.21
C SER A 338 18.44 5.45 -15.96
N LYS A 339 17.28 6.09 -15.86
CA LYS A 339 16.12 5.63 -16.63
C LYS A 339 16.26 5.91 -18.12
N ASP A 340 17.34 6.57 -18.56
CA ASP A 340 17.51 6.95 -19.95
C ASP A 340 18.63 6.20 -20.65
N ASN A 341 19.19 5.17 -20.03
CA ASN A 341 20.08 4.24 -20.72
C ASN A 341 19.93 2.86 -20.09
N ASN A 342 20.71 1.90 -20.59
CA ASN A 342 20.57 0.50 -20.18
C ASN A 342 21.21 0.21 -18.83
N SER A 343 21.87 1.19 -18.20
CA SER A 343 22.36 1.08 -16.83
C SER A 343 23.26 -0.13 -16.62
N ILE A 344 24.13 -0.41 -17.60
CA ILE A 344 25.14 -1.45 -17.45
C ILE A 344 26.15 -0.98 -16.40
N ILE A 345 26.19 -1.64 -15.25
CA ILE A 345 27.06 -1.24 -14.16
C ILE A 345 28.15 -2.29 -13.98
N THR A 346 29.27 -1.85 -13.41
CA THR A 346 30.39 -2.73 -13.13
C THR A 346 30.23 -3.36 -11.75
N ARG A 347 31.17 -4.24 -11.41
CA ARG A 347 31.19 -4.85 -10.08
C ARG A 347 31.39 -3.79 -9.00
N LYS A 348 32.28 -2.83 -9.25
CA LYS A 348 32.53 -1.79 -8.27
C LYS A 348 31.29 -0.92 -8.04
N GLU A 349 30.56 -0.59 -9.11
CA GLU A 349 29.33 0.17 -8.95
C GLU A 349 28.26 -0.63 -8.22
N PHE A 350 28.24 -1.95 -8.41
CA PHE A 350 27.32 -2.80 -7.65
C PHE A 350 27.59 -2.67 -6.15
N GLN A 351 28.87 -2.75 -5.75
CA GLN A 351 29.20 -2.65 -4.34
C GLN A 351 28.85 -1.26 -3.79
N GLU A 352 29.12 -0.21 -4.57
CA GLU A 352 28.65 1.12 -4.17
C GLU A 352 27.13 1.16 -4.13
N GLY A 353 26.46 0.39 -5.01
CA GLY A 353 25.01 0.30 -4.93
C GLY A 353 24.54 -0.29 -3.62
N LEU A 354 25.29 -1.23 -3.07
CA LEU A 354 24.89 -1.89 -1.83
C LEU A 354 24.92 -0.92 -0.65
N LYS A 355 25.93 -0.06 -0.58
CA LYS A 355 25.99 0.88 0.55
C LYS A 355 24.90 1.93 0.48
N ILE A 356 24.33 2.18 -0.70
CA ILE A 356 23.18 3.08 -0.80
C ILE A 356 21.96 2.45 -0.14
N PHE A 357 21.70 1.19 -0.43
CA PHE A 357 20.51 0.52 0.07
C PHE A 357 20.73 -0.20 1.39
N PHE A 358 21.97 -0.33 1.84
CA PHE A 358 22.29 -0.98 3.11
C PHE A 358 23.32 -0.14 3.86
N PRO A 359 22.95 1.07 4.29
CA PRO A 359 23.96 2.00 4.81
C PRO A 359 24.59 1.56 6.13
N GLY A 360 23.80 1.06 7.07
CA GLY A 360 24.37 0.69 8.36
C GLY A 360 24.91 -0.72 8.47
N VAL A 361 24.92 -1.48 7.37
CA VAL A 361 25.33 -2.89 7.42
C VAL A 361 26.85 -2.98 7.37
N SER A 362 27.39 -3.98 8.07
CA SER A 362 28.84 -4.18 8.13
C SER A 362 29.40 -4.54 6.76
N GLU A 363 30.73 -4.52 6.67
CA GLU A 363 31.39 -4.90 5.42
C GLU A 363 31.20 -6.38 5.12
N PHE A 364 31.23 -7.23 6.14
CA PHE A 364 30.99 -8.65 5.93
C PHE A 364 29.57 -8.90 5.44
N GLY A 365 28.61 -8.17 6.00
CA GLY A 365 27.23 -8.32 5.56
C GLY A 365 27.04 -7.96 4.10
N LYS A 366 27.71 -6.91 3.64
CA LYS A 366 27.57 -6.51 2.24
C LYS A 366 28.33 -7.46 1.32
N GLU A 367 29.46 -7.99 1.77
CA GLU A 367 30.14 -9.00 0.98
C GLU A 367 29.33 -10.29 0.88
N SER A 368 28.55 -10.61 1.92
CA SER A 368 27.70 -11.81 1.86
C SER A 368 26.57 -11.63 0.86
N ILE A 369 25.99 -10.42 0.79
CA ILE A 369 25.03 -10.12 -0.27
C ILE A 369 25.69 -10.28 -1.63
N LEU A 370 26.88 -9.68 -1.79
CA LEU A 370 27.61 -9.77 -3.05
C LEU A 370 27.87 -11.23 -3.42
N PHE A 371 28.37 -12.02 -2.48
CA PHE A 371 28.68 -13.42 -2.75
C PHE A 371 27.43 -14.20 -3.17
N HIS A 372 26.30 -13.93 -2.52
CA HIS A 372 25.09 -14.71 -2.78
C HIS A 372 24.49 -14.40 -4.15
N TYR A 373 24.65 -13.19 -4.65
CA TYR A 373 23.96 -12.76 -5.86
C TYR A 373 24.88 -12.68 -7.08
N THR A 374 26.07 -13.28 -7.02
CA THR A 374 27.02 -13.21 -8.12
C THR A 374 27.45 -14.60 -8.56
N ASP A 375 26.53 -15.56 -8.54
CA ASP A 375 26.78 -16.90 -9.08
C ASP A 375 26.07 -17.00 -10.42
N TRP A 376 26.69 -16.39 -11.43
CA TRP A 376 26.09 -16.26 -12.76
C TRP A 376 25.79 -17.61 -13.40
N ARG A 381 27.84 -11.96 -19.46
CA ARG A 381 26.71 -11.08 -19.71
C ARG A 381 26.89 -9.73 -19.02
N PRO A 382 26.86 -8.65 -19.81
CA PRO A 382 27.21 -7.34 -19.26
C PRO A 382 26.22 -6.79 -18.26
N GLU A 383 24.95 -7.20 -18.32
CA GLU A 383 23.94 -6.70 -17.39
C GLU A 383 23.80 -7.59 -16.15
N ASN A 384 24.82 -8.40 -15.85
CA ASN A 384 24.75 -9.26 -14.67
C ASN A 384 24.59 -8.44 -13.39
N TYR A 385 25.47 -7.46 -13.18
CA TYR A 385 25.42 -6.69 -11.94
C TYR A 385 24.20 -5.79 -11.87
N ARG A 386 23.77 -5.23 -13.01
CA ARG A 386 22.56 -4.41 -13.01
C ARG A 386 21.35 -5.21 -12.56
N GLU A 387 21.18 -6.41 -13.12
CA GLU A 387 20.06 -7.26 -12.73
C GLU A 387 20.22 -7.76 -11.29
N ALA A 388 21.46 -8.00 -10.86
CA ALA A 388 21.67 -8.51 -9.51
C ALA A 388 21.26 -7.48 -8.46
N LEU A 389 21.60 -6.20 -8.67
CA LEU A 389 21.24 -5.18 -7.69
C LEU A 389 19.73 -5.00 -7.61
N GLY A 390 19.05 -5.01 -8.76
CA GLY A 390 17.60 -4.94 -8.73
C GLY A 390 16.98 -6.10 -7.95
N ASP A 391 17.50 -7.31 -8.15
CA ASP A 391 16.97 -8.46 -7.42
C ASP A 391 17.30 -8.38 -5.94
N VAL A 392 18.48 -7.86 -5.60
CA VAL A 392 18.81 -7.64 -4.19
C VAL A 392 17.76 -6.75 -3.52
N VAL A 393 17.48 -5.60 -4.14
CA VAL A 393 16.57 -4.64 -3.55
C VAL A 393 15.15 -5.18 -3.52
N GLY A 394 14.75 -5.89 -4.58
CA GLY A 394 13.39 -6.40 -4.64
C GLY A 394 13.16 -7.59 -3.71
N ASP A 395 14.14 -8.50 -3.61
CA ASP A 395 13.97 -9.63 -2.72
C ASP A 395 13.96 -9.21 -1.27
N TYR A 396 14.88 -8.30 -0.89
CA TYR A 396 15.02 -7.90 0.51
C TYR A 396 13.82 -7.09 0.97
N ASN A 397 13.35 -6.14 0.16
CA ASN A 397 12.35 -5.19 0.62
C ASN A 397 10.92 -5.62 0.38
N PHE A 398 10.68 -6.59 -0.50
CA PHE A 398 9.29 -6.89 -0.87
C PHE A 398 9.00 -8.39 -0.96
N ILE A 399 9.72 -9.10 -1.82
CA ILE A 399 9.35 -10.48 -2.14
C ILE A 399 9.52 -11.37 -0.92
N CYS A 400 10.73 -11.43 -0.37
CA CYS A 400 10.97 -12.34 0.75
C CYS A 400 10.13 -12.02 1.98
N PRO A 401 9.92 -10.76 2.38
CA PRO A 401 8.98 -10.52 3.48
C PRO A 401 7.55 -10.94 3.16
N ALA A 402 7.09 -10.71 1.93
CA ALA A 402 5.75 -11.14 1.56
C ALA A 402 5.60 -12.65 1.67
N LEU A 403 6.58 -13.40 1.16
CA LEU A 403 6.53 -14.86 1.27
C LEU A 403 6.56 -15.30 2.72
N GLU A 404 7.39 -14.66 3.54
CA GLU A 404 7.46 -15.02 4.96
C GLU A 404 6.15 -14.73 5.67
N PHE A 405 5.52 -13.59 5.36
CA PHE A 405 4.21 -13.29 5.93
C PHE A 405 3.19 -14.36 5.56
N THR A 406 3.15 -14.73 4.28
CA THR A 406 2.19 -15.73 3.82
C THR A 406 2.41 -17.07 4.50
N LYS A 407 3.68 -17.46 4.68
CA LYS A 407 4.01 -18.70 5.36
C LYS A 407 3.49 -18.70 6.78
N LYS A 408 3.87 -17.68 7.56
CA LYS A 408 3.50 -17.65 8.97
C LYS A 408 1.99 -17.50 9.15
N PHE A 409 1.33 -16.76 8.27
CA PHE A 409 -0.13 -16.63 8.35
C PHE A 409 -0.82 -17.95 8.06
N SER A 410 -0.37 -18.67 7.02
CA SER A 410 -1.04 -19.91 6.65
C SER A 410 -0.79 -21.02 7.65
N GLU A 411 0.28 -20.94 8.44
CA GLU A 411 0.57 -21.98 9.43
C GLU A 411 -0.50 -22.09 10.50
N TRP A 412 -1.40 -21.11 10.60
CA TRP A 412 -2.48 -21.17 11.58
C TRP A 412 -3.81 -21.56 10.95
N GLY A 413 -3.78 -22.21 9.79
CA GLY A 413 -4.92 -22.96 9.29
C GLY A 413 -5.77 -22.28 8.24
N ASN A 414 -5.48 -21.03 7.88
CA ASN A 414 -6.33 -20.32 6.94
C ASN A 414 -5.84 -20.49 5.52
N ASN A 415 -6.79 -20.47 4.58
CA ASN A 415 -6.46 -20.52 3.17
C ASN A 415 -5.73 -19.25 2.76
N ALA A 416 -4.61 -19.42 2.07
CA ALA A 416 -3.84 -18.32 1.52
C ALA A 416 -3.49 -18.61 0.08
N PHE A 417 -3.46 -17.56 -0.74
CA PHE A 417 -3.16 -17.68 -2.16
C PHE A 417 -2.06 -16.69 -2.51
N PHE A 418 -1.03 -17.15 -3.22
CA PHE A 418 0.11 -16.32 -3.55
C PHE A 418 0.27 -16.22 -5.07
N TYR A 419 0.51 -15.01 -5.56
CA TYR A 419 0.69 -14.77 -6.97
C TYR A 419 2.06 -14.14 -7.25
N TYR A 420 2.54 -14.35 -8.47
CA TYR A 420 3.78 -13.77 -8.95
C TYR A 420 3.46 -13.06 -10.27
N PHE A 421 3.30 -11.75 -10.21
CA PHE A 421 2.92 -10.96 -11.38
C PHE A 421 4.15 -10.67 -12.21
N GLU A 422 4.14 -11.07 -13.50
CA GLU A 422 5.35 -10.94 -14.30
C GLU A 422 5.05 -10.45 -15.72
N HIS A 423 4.00 -9.66 -15.90
CA HIS A 423 3.76 -9.02 -17.19
C HIS A 423 4.09 -7.54 -17.10
N ARG A 424 4.91 -7.07 -18.03
CA ARG A 424 5.26 -5.66 -18.12
C ARG A 424 4.26 -4.94 -19.02
N SER A 425 3.66 -3.87 -18.50
CA SER A 425 2.66 -3.12 -19.26
C SER A 425 3.24 -2.63 -20.59
N SER A 426 2.45 -2.80 -21.65
CA SER A 426 2.87 -2.33 -22.97
C SER A 426 2.96 -0.81 -23.04
N LYS A 427 2.31 -0.10 -22.10
CA LYS A 427 2.35 1.35 -22.04
C LYS A 427 3.33 1.86 -20.99
N LEU A 428 4.19 0.99 -20.46
CA LEU A 428 5.11 1.36 -19.40
C LEU A 428 6.06 2.46 -19.86
N PRO A 429 6.09 3.61 -19.19
CA PRO A 429 6.98 4.70 -19.65
C PRO A 429 8.42 4.55 -19.20
N TRP A 430 8.69 3.75 -18.19
CA TRP A 430 10.06 3.51 -17.74
C TRP A 430 10.78 2.59 -18.72
N PRO A 431 12.11 2.56 -18.68
CA PRO A 431 12.86 1.76 -19.67
C PRO A 431 12.67 0.26 -19.49
N GLU A 432 13.02 -0.46 -20.55
CA GLU A 432 12.80 -1.91 -20.61
C GLU A 432 13.59 -2.65 -19.54
N TRP A 433 14.77 -2.16 -19.17
CA TRP A 433 15.58 -2.89 -18.19
C TRP A 433 14.94 -2.91 -16.81
N MET A 434 13.97 -2.04 -16.54
CA MET A 434 13.29 -2.06 -15.25
C MET A 434 12.25 -3.17 -15.16
N GLY A 435 11.82 -3.74 -16.28
CA GLY A 435 11.00 -4.94 -16.24
C GLY A 435 9.62 -4.72 -15.66
N VAL A 436 9.19 -5.67 -14.84
CA VAL A 436 7.84 -5.68 -14.25
C VAL A 436 7.94 -4.93 -12.92
N MET A 437 7.72 -3.63 -12.98
CA MET A 437 8.10 -2.75 -11.88
C MET A 437 7.10 -2.77 -10.74
N HIS A 438 7.60 -2.38 -9.57
CA HIS A 438 6.78 -2.07 -8.41
C HIS A 438 5.65 -1.13 -8.81
N GLY A 439 4.42 -1.48 -8.43
CA GLY A 439 3.28 -0.61 -8.62
C GLY A 439 2.54 -0.76 -9.93
N TYR A 440 3.06 -1.53 -10.89
CA TYR A 440 2.46 -1.56 -12.22
C TYR A 440 1.65 -2.84 -12.46
N GLU A 441 1.21 -3.51 -11.40
CA GLU A 441 0.08 -4.42 -11.48
C GLU A 441 -1.23 -3.76 -11.10
N ILE A 442 -1.17 -2.56 -10.51
CA ILE A 442 -2.37 -1.90 -9.98
C ILE A 442 -3.37 -1.63 -11.10
N GLU A 443 -2.89 -1.10 -12.23
CA GLU A 443 -3.81 -0.73 -13.31
C GLU A 443 -4.51 -1.96 -13.88
N PHE A 444 -3.88 -3.13 -13.79
CA PHE A 444 -4.55 -4.35 -14.23
C PHE A 444 -5.61 -4.79 -13.23
N VAL A 445 -5.32 -4.66 -11.94
CA VAL A 445 -6.28 -5.02 -10.90
C VAL A 445 -7.52 -4.12 -10.98
N PHE A 446 -7.32 -2.83 -11.22
CA PHE A 446 -8.45 -1.89 -11.30
C PHE A 446 -9.14 -1.93 -12.66
N GLY A 447 -8.62 -2.70 -13.62
CA GLY A 447 -9.32 -2.92 -14.87
C GLY A 447 -9.16 -1.85 -15.92
N LEU A 448 -8.10 -1.04 -15.86
CA LEU A 448 -7.87 -0.05 -16.91
C LEU A 448 -7.75 -0.68 -18.29
N PRO A 449 -7.03 -1.79 -18.51
CA PRO A 449 -6.95 -2.35 -19.87
C PRO A 449 -8.28 -2.84 -20.42
N LEU A 450 -9.32 -2.95 -19.60
CA LEU A 450 -10.64 -3.25 -20.13
C LEU A 450 -11.19 -2.13 -20.99
N GLU A 451 -10.70 -0.91 -20.80
CA GLU A 451 -11.04 0.23 -21.66
C GLU A 451 -10.12 0.19 -22.88
N ARG A 452 -10.64 -0.33 -23.99
CA ARG A 452 -9.81 -0.57 -25.17
C ARG A 452 -9.44 0.71 -25.91
N ARG A 453 -9.99 1.87 -25.53
CA ARG A 453 -9.59 3.12 -26.15
C ARG A 453 -8.24 3.63 -25.64
N ASP A 454 -7.69 3.03 -24.59
CA ASP A 454 -6.46 3.50 -23.98
C ASP A 454 -5.22 2.79 -24.50
N GLN A 455 -5.35 2.03 -25.58
CA GLN A 455 -4.21 1.46 -26.33
C GLN A 455 -3.44 0.41 -25.55
N TYR A 456 -4.11 -0.31 -24.64
CA TYR A 456 -3.55 -1.56 -24.15
C TYR A 456 -3.74 -2.64 -25.22
N THR A 457 -2.94 -3.70 -25.13
CA THR A 457 -3.09 -4.76 -26.11
C THR A 457 -4.28 -5.64 -25.79
N LYS A 458 -4.70 -6.42 -26.79
CA LYS A 458 -5.78 -7.38 -26.59
C LYS A 458 -5.42 -8.38 -25.49
N ALA A 459 -4.20 -8.90 -25.49
CA ALA A 459 -3.80 -9.83 -24.43
C ALA A 459 -3.85 -9.18 -23.06
N GLU A 460 -3.63 -7.86 -22.99
CA GLU A 460 -3.69 -7.17 -21.71
C GLU A 460 -5.13 -7.02 -21.24
N GLU A 461 -6.08 -6.85 -22.16
CA GLU A 461 -7.48 -6.87 -21.78
C GLU A 461 -7.87 -8.22 -21.20
N ILE A 462 -7.42 -9.30 -21.83
CA ILE A 462 -7.72 -10.64 -21.35
C ILE A 462 -7.10 -10.85 -19.97
N LEU A 463 -5.84 -10.45 -19.79
CA LEU A 463 -5.18 -10.63 -18.50
C LEU A 463 -5.87 -9.82 -17.41
N SER A 464 -6.18 -8.55 -17.68
CA SER A 464 -6.86 -7.72 -16.70
C SER A 464 -8.23 -8.27 -16.37
N ARG A 465 -8.97 -8.74 -17.38
CA ARG A 465 -10.30 -9.30 -17.14
C ARG A 465 -10.21 -10.52 -16.24
N SER A 466 -9.22 -11.38 -16.47
CA SER A 466 -9.03 -12.55 -15.62
C SER A 466 -8.63 -12.15 -14.20
N ILE A 467 -7.70 -11.20 -14.08
CA ILE A 467 -7.25 -10.75 -12.76
C ILE A 467 -8.42 -10.11 -12.00
N VAL A 468 -9.22 -9.31 -12.70
CA VAL A 468 -10.35 -8.66 -12.06
C VAL A 468 -11.35 -9.69 -11.55
N LYS A 469 -11.59 -10.75 -12.33
CA LYS A 469 -12.52 -11.80 -11.90
C LYS A 469 -11.99 -12.55 -10.70
N ARG A 470 -10.68 -12.86 -10.70
CA ARG A 470 -10.09 -13.55 -9.55
C ARG A 470 -10.21 -12.72 -8.29
N TRP A 471 -9.86 -11.43 -8.37
CA TRP A 471 -9.96 -10.55 -7.21
C TRP A 471 -11.39 -10.47 -6.70
N ALA A 472 -12.35 -10.30 -7.61
CA ALA A 472 -13.75 -10.21 -7.20
C ALA A 472 -14.23 -11.53 -6.62
N ASN A 473 -13.82 -12.66 -7.20
CA ASN A 473 -14.22 -13.95 -6.64
C ASN A 473 -13.61 -14.17 -5.26
N PHE A 474 -12.37 -13.72 -5.05
CA PHE A 474 -11.79 -13.80 -3.72
C PHE A 474 -12.58 -12.96 -2.73
N ALA A 475 -12.95 -11.74 -3.11
CA ALA A 475 -13.70 -10.87 -2.21
C ALA A 475 -15.07 -11.48 -1.89
N LYS A 476 -15.76 -12.00 -2.91
CA LYS A 476 -17.12 -12.48 -2.70
C LYS A 476 -17.15 -13.85 -2.07
N TYR A 477 -16.21 -14.73 -2.44
CA TYR A 477 -16.27 -16.13 -2.07
C TYR A 477 -15.01 -16.67 -1.40
N GLY A 478 -14.01 -15.82 -1.15
CA GLY A 478 -12.79 -16.28 -0.51
C GLY A 478 -11.96 -17.24 -1.33
N ASN A 479 -12.17 -17.29 -2.65
CA ASN A 479 -11.50 -18.23 -3.53
C ASN A 479 -11.23 -17.56 -4.87
N PRO A 480 -9.95 -17.22 -5.18
CA PRO A 480 -9.63 -16.39 -6.34
C PRO A 480 -9.51 -17.15 -7.66
N GLN A 481 -10.54 -17.92 -7.98
CA GLN A 481 -10.56 -18.69 -9.22
C GLN A 481 -11.26 -17.93 -10.34
N GLU A 482 -10.90 -18.27 -11.56
CA GLU A 482 -11.65 -17.88 -12.76
C GLU A 482 -12.25 -19.17 -13.29
N THR A 483 -13.54 -19.37 -13.03
CA THR A 483 -14.17 -20.68 -13.18
C THR A 483 -14.57 -21.00 -14.60
N GLN A 484 -14.76 -20.00 -15.46
CA GLN A 484 -15.48 -20.21 -16.71
C GLN A 484 -14.60 -20.48 -17.90
N ASN A 485 -13.38 -19.94 -17.95
CA ASN A 485 -12.64 -19.93 -19.20
C ASN A 485 -11.45 -20.88 -19.19
N GLN A 486 -11.65 -22.11 -18.72
CA GLN A 486 -10.64 -23.17 -18.78
C GLN A 486 -9.29 -22.68 -18.25
N SER A 487 -9.33 -21.93 -17.16
CA SER A 487 -8.14 -21.30 -16.62
C SER A 487 -7.34 -22.30 -15.78
N THR A 488 -6.17 -21.85 -15.33
CA THR A 488 -5.42 -22.61 -14.35
C THR A 488 -6.04 -22.40 -12.97
N SER A 489 -6.28 -23.50 -12.25
CA SER A 489 -6.80 -23.39 -10.90
C SER A 489 -5.72 -22.86 -9.96
N TRP A 490 -6.10 -21.92 -9.10
CA TRP A 490 -5.17 -21.31 -8.17
C TRP A 490 -5.12 -22.13 -6.89
N PRO A 491 -4.02 -22.80 -6.58
CA PRO A 491 -3.97 -23.65 -5.40
C PRO A 491 -3.68 -22.87 -4.13
N VAL A 492 -4.04 -23.48 -3.00
CA VAL A 492 -3.79 -22.85 -1.71
C VAL A 492 -2.29 -22.87 -1.41
N PHE A 493 -1.81 -21.78 -0.84
CA PHE A 493 -0.43 -21.68 -0.36
C PHE A 493 -0.33 -22.34 1.00
N LYS A 494 0.35 -23.48 1.07
CA LYS A 494 0.59 -24.17 2.32
C LYS A 494 2.07 -24.05 2.70
N SER A 495 2.32 -24.17 4.02
CA SER A 495 3.65 -23.90 4.56
C SER A 495 4.70 -24.84 3.97
N THR A 496 4.31 -26.04 3.57
CA THR A 496 5.26 -27.02 3.04
C THR A 496 5.47 -26.87 1.54
N GLU A 497 4.42 -27.10 0.75
CA GLU A 497 4.55 -27.03 -0.70
C GLU A 497 4.86 -25.60 -1.17
N GLN A 498 4.18 -24.61 -0.60
CA GLN A 498 4.37 -23.21 -0.95
C GLN A 498 4.13 -22.97 -2.44
N LYS A 499 2.98 -23.45 -2.92
CA LYS A 499 2.59 -23.25 -4.30
C LYS A 499 2.11 -21.82 -4.53
N TYR A 500 2.37 -21.32 -5.74
CA TYR A 500 1.91 -19.98 -6.12
C TYR A 500 1.56 -19.98 -7.60
N LEU A 501 0.82 -18.97 -8.00
CA LEU A 501 0.35 -18.82 -9.38
C LEU A 501 1.04 -17.64 -10.03
N THR A 502 1.49 -17.82 -11.27
CA THR A 502 2.08 -16.73 -12.03
C THR A 502 1.01 -16.07 -12.88
N LEU A 503 1.07 -14.74 -12.95
CA LEU A 503 0.12 -13.95 -13.74
C LEU A 503 0.87 -13.32 -14.91
N ASN A 504 0.48 -13.70 -16.12
CA ASN A 504 1.07 -13.17 -17.35
C ASN A 504 0.11 -13.46 -18.51
N THR A 505 0.53 -13.10 -19.72
CA THR A 505 -0.36 -13.20 -20.87
C THR A 505 -0.27 -14.53 -21.61
N GLU A 506 0.91 -15.17 -21.61
CA GLU A 506 1.07 -16.39 -22.41
C GLU A 506 0.42 -17.59 -21.74
N SER A 507 0.92 -17.99 -20.56
CA SER A 507 0.28 -19.11 -19.90
C SER A 507 0.54 -19.14 -18.39
N THR A 508 -0.54 -19.15 -17.60
CA THR A 508 -0.44 -19.31 -16.15
C THR A 508 0.22 -20.65 -15.82
N ARG A 509 1.03 -20.66 -14.76
CA ARG A 509 1.64 -21.89 -14.28
C ARG A 509 1.63 -21.93 -12.76
N ILE A 510 1.54 -23.14 -12.23
CA ILE A 510 1.64 -23.40 -10.80
C ILE A 510 3.10 -23.77 -10.50
N MET A 511 3.71 -23.06 -9.56
CA MET A 511 5.10 -23.30 -9.22
C MET A 511 5.25 -23.31 -7.70
N THR A 512 6.43 -23.68 -7.25
CA THR A 512 6.69 -23.87 -5.83
C THR A 512 7.91 -23.08 -5.40
N LYS A 513 7.85 -22.60 -4.14
CA LYS A 513 9.00 -22.05 -3.41
C LYS A 513 9.70 -20.96 -4.22
N LEU A 514 8.98 -19.86 -4.39
CA LEU A 514 9.50 -18.72 -5.13
C LEU A 514 10.76 -18.16 -4.46
N ARG A 515 11.82 -17.99 -5.25
CA ARG A 515 13.09 -17.45 -4.78
CA ARG A 515 13.10 -17.46 -4.78
C ARG A 515 13.54 -18.14 -3.49
N ALA A 516 13.48 -19.47 -3.49
CA ALA A 516 13.78 -20.25 -2.28
C ALA A 516 15.18 -19.94 -1.74
N GLN A 517 16.19 -19.97 -2.61
CA GLN A 517 17.56 -19.72 -2.16
C GLN A 517 17.71 -18.29 -1.66
N GLN A 518 17.20 -17.32 -2.42
CA GLN A 518 17.36 -15.92 -2.06
C GLN A 518 16.72 -15.62 -0.71
N CYS A 519 15.51 -16.12 -0.50
CA CYS A 519 14.78 -15.76 0.72
C CYS A 519 15.33 -16.46 1.95
N ARG A 520 15.95 -17.63 1.79
CA ARG A 520 16.64 -18.24 2.91
C ARG A 520 17.79 -17.36 3.39
N PHE A 521 18.49 -16.72 2.45
CA PHE A 521 19.53 -15.77 2.81
C PHE A 521 18.95 -14.58 3.57
N TRP A 522 17.89 -13.96 3.04
CA TRP A 522 17.37 -12.72 3.62
C TRP A 522 16.61 -12.97 4.91
N THR A 523 15.86 -14.07 5.00
CA THR A 523 15.00 -14.30 6.15
C THR A 523 15.72 -15.01 7.30
N SER A 524 16.70 -15.86 7.00
CA SER A 524 17.38 -16.64 8.03
C SER A 524 18.79 -16.14 8.33
N PHE A 525 19.61 -15.89 7.32
CA PHE A 525 21.00 -15.50 7.58
C PHE A 525 21.16 -14.01 7.84
N PHE A 526 20.70 -13.18 6.90
CA PHE A 526 20.97 -11.75 6.92
C PHE A 526 20.60 -11.06 8.22
N PRO A 527 19.54 -11.45 8.93
CA PRO A 527 19.31 -10.86 10.26
C PRO A 527 20.46 -11.04 11.24
N LYS A 528 21.33 -12.03 11.02
CA LYS A 528 22.43 -12.28 11.95
C LYS A 528 23.61 -11.32 11.74
N VAL A 529 23.70 -10.65 10.60
CA VAL A 529 24.86 -9.81 10.33
C VAL A 529 24.71 -8.44 10.99
C1 NAG B . 19.29 10.01 16.69
C2 NAG B . 20.20 9.20 15.77
C3 NAG B . 21.60 9.79 15.76
C4 NAG B . 21.57 11.29 15.44
C5 NAG B . 20.53 12.01 16.29
C6 NAG B . 20.30 13.44 15.83
C7 NAG B . 20.28 6.79 15.31
C8 NAG B . 20.34 5.41 15.90
N2 NAG B . 20.24 7.80 16.18
O3 NAG B . 22.38 9.11 14.78
O4 NAG B . 22.83 11.85 15.82
O5 NAG B . 19.26 11.35 16.23
O6 NAG B . 20.14 13.53 14.42
O7 NAG B . 20.25 6.97 14.10
C1 NAG B . 23.76 11.90 14.73
C2 NAG B . 24.90 12.79 15.18
C3 NAG B . 25.82 13.05 14.00
C4 NAG B . 26.30 11.72 13.41
C5 NAG B . 25.14 10.73 13.19
C6 NAG B . 25.63 9.32 12.95
C7 NAG B . 24.48 14.28 17.07
C8 NAG B . 23.92 15.60 17.51
N2 NAG B . 24.41 14.03 15.76
O3 NAG B . 26.93 13.83 14.43
O4 NAG B . 26.91 11.97 12.14
O5 NAG B . 24.27 10.66 14.33
O6 NAG B . 25.54 8.53 14.14
O7 NAG B . 24.98 13.49 17.86
C1 FUL B . 20.80 14.72 13.92
C2 FUL B . 19.79 15.85 13.65
O2 FUL B . 19.51 16.61 14.82
C3 FUL B . 20.32 16.75 12.55
O3 FUL B . 19.42 17.84 12.33
C4 FUL B . 20.38 15.97 11.24
O4 FUL B . 19.06 15.70 10.77
C5 FUL B . 21.12 14.63 11.45
C6 FUL B . 20.27 13.42 11.13
O5 FUL B . 21.65 14.44 12.81
C1 NAG C . 23.76 5.95 -17.92
C2 NAG C . 25.28 5.78 -18.15
C3 NAG C . 26.05 6.10 -16.87
C4 NAG C . 25.64 7.46 -16.31
C5 NAG C . 24.13 7.48 -16.13
C6 NAG C . 23.59 8.80 -15.65
C7 NAG C . 25.80 4.12 -19.89
C8 NAG C . 25.79 5.26 -20.86
N2 NAG C . 25.56 4.43 -18.61
O3 NAG C . 27.45 6.08 -17.16
O4 NAG C . 26.26 7.76 -15.06
O5 NAG C . 23.51 7.23 -17.40
O6 NAG C . 24.17 9.86 -16.39
O7 NAG C . 26.03 2.97 -20.25
C1 NAG C . 26.84 9.07 -15.05
C2 NAG C . 27.26 9.40 -13.60
C3 NAG C . 28.15 10.63 -13.60
C4 NAG C . 29.38 10.36 -14.44
C5 NAG C . 28.94 10.11 -15.87
C6 NAG C . 30.11 9.74 -16.76
C7 NAG C . 25.63 8.60 -11.94
C8 NAG C . 24.51 8.98 -11.03
N2 NAG C . 26.14 9.58 -12.70
O3 NAG C . 28.52 10.96 -12.26
O4 NAG C . 30.31 11.43 -14.35
O5 NAG C . 28.02 9.00 -15.91
O6 NAG C . 29.75 9.66 -18.13
O7 NAG C . 26.05 7.45 -12.00
C1 FUL C . 23.55 11.10 -16.01
C2 FUL C . 22.22 11.20 -16.71
O2 FUL C . 21.47 12.33 -16.27
C3 FUL C . 22.43 11.23 -18.23
O3 FUL C . 22.85 9.94 -18.69
C4 FUL C . 23.47 12.28 -18.69
O4 FUL C . 24.07 11.82 -19.89
C5 FUL C . 24.61 12.61 -17.66
C6 FUL C . 25.97 12.03 -18.03
O5 FUL C . 24.36 12.22 -16.26
N1 DME D . 11.27 7.69 -3.69
C2 DME D . 11.32 7.17 -5.06
C3 DME D . 10.00 6.53 -5.45
C4 DME D . 10.04 6.12 -6.93
C5 DME D . 8.72 5.46 -7.26
C6 DME D . 8.57 5.13 -8.75
C7 DME D . 7.22 4.46 -8.79
C8 DME D . 7.38 3.13 -8.04
C9 DME D . 6.03 2.45 -7.84
C10 DME D . 5.28 3.34 -6.86
C11 DME D . 3.88 2.78 -6.58
N12 DME D . 3.24 3.58 -5.53
C13 DME D . 10.37 8.84 -3.68
C14 DME D . 10.68 6.69 -2.80
C15 DME D . 12.62 8.06 -3.23
C16 DME D . 1.85 3.15 -5.36
C17 DME D . 3.37 5.02 -5.75
C18 DME D . 3.94 3.25 -4.28
C1 NAG E . -24.65 20.85 -5.11
C2 NAG E . -24.77 22.33 -4.77
C3 NAG E . -26.14 22.85 -5.19
C4 NAG E . -26.40 22.55 -6.66
C5 NAG E . -26.18 21.06 -6.94
C6 NAG E . -26.26 20.73 -8.41
C7 NAG E . -23.63 23.42 -2.88
C8 NAG E . -22.83 24.16 -3.92
N2 NAG E . -24.55 22.57 -3.35
O3 NAG E . -26.20 24.26 -4.96
O4 NAG E . -27.73 22.91 -7.01
O5 NAG E . -24.88 20.66 -6.49
O6 NAG E . -27.46 21.23 -9.00
O7 NAG E . -23.47 23.60 -1.68
C1 NAG F . -26.52 -9.54 2.92
C2 NAG F . -27.89 -9.59 3.63
C3 NAG F . -27.73 -10.07 5.08
C4 NAG F . -26.97 -11.39 5.13
C5 NAG F . -25.63 -11.23 4.41
C6 NAG F . -24.84 -12.52 4.34
C7 NAG F . -29.54 -8.00 2.74
C8 NAG F . -29.98 -9.10 1.82
N2 NAG F . -28.55 -8.30 3.58
O3 NAG F . -29.02 -10.23 5.66
O4 NAG F . -26.75 -11.77 6.48
O5 NAG F . -25.86 -10.81 3.06
O6 NAG F . -23.47 -12.28 4.03
O7 NAG F . -30.07 -6.89 2.73
C1 NAG G . 3.57 19.24 30.75
C2 NAG G . 3.50 19.07 32.27
C3 NAG G . 2.15 18.50 32.68
C4 NAG G . 1.01 19.34 32.11
C5 NAG G . 1.19 19.49 30.59
C6 NAG G . 0.16 20.42 29.98
C7 NAG G . 5.43 18.59 33.72
C8 NAG G . 5.21 19.95 34.30
N2 NAG G . 4.58 18.23 32.75
O3 NAG G . 2.07 18.48 34.10
O4 NAG G . -0.24 18.73 32.38
O5 NAG G . 2.48 20.04 30.30
O6 NAG G . -0.02 21.59 30.77
O7 NAG G . 6.33 17.85 34.10
C1 NAG H . -14.04 -15.51 -20.82
C2 NAG H . -13.85 -14.05 -20.39
C3 NAG H . -14.81 -13.13 -21.16
C4 NAG H . -14.67 -13.34 -22.65
C5 NAG H . -14.88 -14.81 -22.99
C6 NAG H . -14.68 -15.12 -24.45
C7 NAG H . -13.07 -13.83 -18.07
C8 NAG H . -13.47 -13.69 -16.64
N2 NAG H . -14.06 -13.90 -18.96
O3 NAG H . -14.52 -11.76 -20.83
O4 NAG H . -15.63 -12.55 -23.35
O5 NAG H . -13.93 -15.60 -22.26
O6 NAG H . -14.43 -16.51 -24.66
O7 NAG H . -11.89 -13.88 -18.41
S SO4 I . -10.16 -21.35 5.91
O1 SO4 I . -11.52 -21.01 6.33
O2 SO4 I . -9.39 -20.13 5.69
O3 SO4 I . -10.21 -22.12 4.67
O4 SO4 I . -9.52 -22.15 6.95
CL CL J . -3.26 -5.65 -29.87
CL CL K . -4.82 -19.86 -18.06
CL CL L . 12.47 -14.30 -12.30
#